data_1I8D
#
_entry.id   1I8D
#
_cell.length_a   52.083
_cell.length_b   61.705
_cell.length_c   219.781
_cell.angle_alpha   90.00
_cell.angle_beta   90.00
_cell.angle_gamma   90.00
#
_symmetry.space_group_name_H-M   'P 21 21 21'
#
loop_
_entity.id
_entity.type
_entity.pdbx_description
1 polymer 'RIBOFLAVIN SYNTHASE'
2 water water
#
_entity_poly.entity_id   1
_entity_poly.type   'polypeptide(L)'
_entity_poly.pdbx_seq_one_letter_code
;MFTGIVQGTAKLVSIDEKPNFRTHVVELPDHMLDGLETGASVAHNGCCLTVTEINGNHVSFDLMKETLRITNLGDLKVGD
WVNVERAAKFSDEIGGHLMSGHIMTTAEVAKILTSENNRQIWFKVQDSQLMKYILYKGFIGIDGISLTVGEVTPTRFCVH
LIPETLERTTLGKKKLGARVNIEIDPQTQAVVDTVERVLAARENAMNQPGTEA
;
_entity_poly.pdbx_strand_id   A,B,C
#
# COMPACT_ATOMS: atom_id res chain seq x y z
N MET A 1 4.80 -6.96 6.53
CA MET A 1 3.59 -6.44 5.96
C MET A 1 2.58 -7.56 5.79
N PHE A 2 1.30 -7.17 5.77
CA PHE A 2 0.21 -8.11 5.62
C PHE A 2 -0.83 -7.57 4.63
N THR A 3 -1.72 -8.41 4.14
CA THR A 3 -2.74 -7.97 3.18
C THR A 3 -4.12 -7.74 3.78
N GLY A 4 -4.40 -8.34 4.95
CA GLY A 4 -5.70 -8.17 5.58
C GLY A 4 -6.65 -9.25 5.15
N ILE A 5 -6.08 -10.16 4.37
CA ILE A 5 -6.78 -11.35 3.95
C ILE A 5 -6.36 -12.47 4.92
N VAL A 6 -7.24 -12.75 5.88
CA VAL A 6 -6.97 -13.74 6.90
C VAL A 6 -6.73 -15.12 6.32
N GLN A 7 -5.65 -15.75 6.77
CA GLN A 7 -5.34 -17.06 6.24
C GLN A 7 -5.89 -18.13 7.11
N GLY A 8 -6.32 -17.71 8.28
CA GLY A 8 -6.88 -18.65 9.21
C GLY A 8 -7.20 -18.04 10.56
N THR A 9 -7.82 -18.87 11.38
CA THR A 9 -8.13 -18.57 12.75
C THR A 9 -7.43 -19.63 13.58
N ALA A 10 -6.72 -19.22 14.61
CA ALA A 10 -6.05 -20.21 15.42
C ALA A 10 -6.57 -20.10 16.84
N LYS A 11 -6.69 -21.23 17.51
CA LYS A 11 -7.18 -21.22 18.88
C LYS A 11 -6.04 -21.09 19.90
N LEU A 12 -6.27 -20.36 20.99
CA LEU A 12 -5.25 -20.13 22.02
C LEU A 12 -5.22 -21.30 22.95
N VAL A 13 -4.12 -22.01 22.92
CA VAL A 13 -3.94 -23.24 23.62
C VAL A 13 -3.32 -23.16 24.99
N SER A 14 -2.52 -22.12 25.24
CA SER A 14 -1.89 -21.97 26.55
C SER A 14 -1.29 -20.59 26.72
N ILE A 15 -1.20 -20.16 27.98
CA ILE A 15 -0.56 -18.90 28.27
C ILE A 15 0.48 -19.12 29.34
N ASP A 16 1.68 -18.68 29.06
CA ASP A 16 2.76 -18.82 30.00
C ASP A 16 3.10 -17.43 30.47
N GLU A 17 2.68 -17.10 31.68
CA GLU A 17 2.89 -15.74 32.16
C GLU A 17 4.24 -15.41 32.75
N LYS A 18 4.72 -14.23 32.39
CA LYS A 18 5.96 -13.76 32.93
C LYS A 18 5.82 -12.32 33.38
N PRO A 19 6.83 -11.84 34.12
CA PRO A 19 6.82 -10.48 34.65
C PRO A 19 6.71 -9.38 33.59
N ASN A 20 7.48 -9.52 32.52
CA ASN A 20 7.55 -8.54 31.44
C ASN A 20 6.91 -8.95 30.11
N PHE A 21 6.26 -10.09 30.11
CA PHE A 21 5.67 -10.54 28.87
C PHE A 21 4.82 -11.76 29.16
N ARG A 22 4.15 -12.26 28.13
CA ARG A 22 3.29 -13.40 28.25
C ARG A 22 3.52 -14.34 27.06
N THR A 23 3.48 -15.63 27.26
CA THR A 23 3.68 -16.48 26.10
C THR A 23 2.37 -17.03 25.59
N HIS A 24 2.20 -16.92 24.29
CA HIS A 24 0.98 -17.35 23.66
C HIS A 24 1.24 -18.53 22.77
N VAL A 25 0.54 -19.63 23.03
CA VAL A 25 0.66 -20.79 22.17
C VAL A 25 -0.60 -21.02 21.37
N VAL A 26 -0.47 -21.00 20.05
CA VAL A 26 -1.64 -21.24 19.23
C VAL A 26 -1.54 -22.48 18.38
N GLU A 27 -2.69 -23.07 18.19
CA GLU A 27 -2.77 -24.21 17.33
C GLU A 27 -3.12 -23.65 15.98
N LEU A 28 -2.12 -23.53 15.12
CA LEU A 28 -2.40 -22.97 13.83
C LEU A 28 -2.78 -23.90 12.70
N PRO A 29 -3.60 -23.39 11.76
CA PRO A 29 -4.02 -24.19 10.62
C PRO A 29 -2.86 -24.79 9.84
N ASP A 30 -3.04 -26.07 9.63
CA ASP A 30 -2.06 -26.89 8.98
C ASP A 30 -1.50 -26.28 7.69
N HIS A 31 -2.32 -25.65 6.87
CA HIS A 31 -1.75 -25.08 5.67
C HIS A 31 -0.80 -23.95 5.97
N MET A 32 -0.83 -23.44 7.19
CA MET A 32 -0.01 -22.30 7.52
C MET A 32 1.43 -22.63 7.92
N LEU A 33 1.69 -23.93 8.06
CA LEU A 33 2.98 -24.45 8.50
C LEU A 33 4.09 -24.49 7.47
N ASP A 34 3.81 -24.93 6.24
CA ASP A 34 4.88 -24.99 5.25
C ASP A 34 5.61 -23.68 5.07
N GLY A 35 6.92 -23.73 5.30
CA GLY A 35 7.83 -22.61 5.14
C GLY A 35 7.97 -21.84 6.45
N LEU A 36 7.11 -22.24 7.39
CA LEU A 36 7.11 -21.56 8.66
C LEU A 36 8.32 -21.91 9.49
N GLU A 37 9.11 -20.89 9.78
CA GLU A 37 10.30 -21.08 10.55
C GLU A 37 10.30 -20.14 11.75
N THR A 38 11.12 -20.44 12.75
CA THR A 38 11.17 -19.52 13.87
C THR A 38 11.65 -18.17 13.41
N GLY A 39 11.19 -17.15 14.10
CA GLY A 39 11.55 -15.79 13.78
C GLY A 39 10.61 -15.16 12.76
N ALA A 40 9.73 -15.98 12.18
CA ALA A 40 8.81 -15.44 11.22
C ALA A 40 7.80 -14.57 11.93
N SER A 41 7.19 -13.68 11.15
CA SER A 41 6.19 -12.75 11.62
C SER A 41 4.78 -13.19 11.23
N VAL A 42 3.96 -13.37 12.24
CA VAL A 42 2.57 -13.73 12.06
C VAL A 42 1.70 -12.67 12.71
N ALA A 43 0.60 -12.31 12.06
CA ALA A 43 -0.30 -11.32 12.64
C ALA A 43 -1.36 -12.02 13.46
N HIS A 44 -1.55 -11.58 14.68
CA HIS A 44 -2.61 -12.09 15.51
C HIS A 44 -3.60 -10.96 15.71
N ASN A 45 -4.79 -11.12 15.16
CA ASN A 45 -5.79 -10.08 15.25
C ASN A 45 -5.17 -8.79 14.77
N GLY A 46 -4.37 -8.95 13.73
CA GLY A 46 -3.76 -7.78 13.10
C GLY A 46 -2.50 -7.30 13.80
N CYS A 47 -2.09 -7.97 14.88
CA CYS A 47 -0.88 -7.53 15.55
C CYS A 47 0.31 -8.39 15.18
N CYS A 48 1.35 -7.76 14.65
CA CYS A 48 2.51 -8.52 14.18
C CYS A 48 3.34 -9.16 15.30
N LEU A 49 3.41 -10.47 15.33
CA LEU A 49 4.21 -11.19 16.31
C LEU A 49 5.25 -12.07 15.62
N THR A 50 6.27 -12.55 16.35
CA THR A 50 7.31 -13.42 15.78
C THR A 50 7.33 -14.80 16.39
N VAL A 51 7.48 -15.80 15.52
CA VAL A 51 7.56 -17.18 15.97
C VAL A 51 8.78 -17.39 16.84
N THR A 52 8.58 -18.06 17.99
CA THR A 52 9.63 -18.40 18.94
C THR A 52 9.90 -19.89 18.98
N GLU A 53 8.85 -20.68 18.79
CA GLU A 53 8.93 -22.12 18.89
C GLU A 53 7.80 -22.74 18.09
N ILE A 54 8.01 -23.94 17.59
CA ILE A 54 7.01 -24.65 16.81
C ILE A 54 6.96 -26.11 17.20
N ASN A 55 5.78 -26.66 17.40
CA ASN A 55 5.68 -28.06 17.75
C ASN A 55 4.45 -28.62 17.13
N GLY A 56 4.64 -29.25 15.99
CA GLY A 56 3.47 -29.73 15.31
C GLY A 56 2.68 -28.49 14.87
N ASN A 57 1.38 -28.51 15.07
CA ASN A 57 0.64 -27.34 14.66
C ASN A 57 0.54 -26.31 15.79
N HIS A 58 1.38 -26.49 16.80
CA HIS A 58 1.43 -25.59 17.95
C HIS A 58 2.58 -24.63 17.78
N VAL A 59 2.28 -23.33 17.59
CA VAL A 59 3.30 -22.29 17.41
C VAL A 59 3.38 -21.27 18.55
N SER A 60 4.60 -20.89 18.96
CA SER A 60 4.80 -19.97 20.07
C SER A 60 5.21 -18.54 19.71
N PHE A 61 4.86 -17.63 20.64
CA PHE A 61 5.10 -16.19 20.53
C PHE A 61 5.17 -15.50 21.88
N ASP A 62 5.97 -14.46 21.99
CA ASP A 62 6.01 -13.74 23.26
C ASP A 62 5.45 -12.34 23.13
N LEU A 63 4.65 -11.95 24.10
CA LEU A 63 4.05 -10.65 24.02
C LEU A 63 4.53 -9.74 25.14
N MET A 64 5.11 -8.63 24.74
CA MET A 64 5.56 -7.66 25.71
C MET A 64 4.35 -7.00 26.29
N LYS A 65 4.46 -6.67 27.57
CA LYS A 65 3.35 -6.10 28.29
C LYS A 65 2.72 -4.89 27.62
N GLU A 66 3.49 -4.22 26.77
CA GLU A 66 2.94 -3.08 26.04
C GLU A 66 1.86 -3.59 25.11
N THR A 67 2.26 -4.58 24.31
CA THR A 67 1.38 -5.21 23.37
C THR A 67 0.08 -5.66 24.01
N LEU A 68 0.21 -6.27 25.19
CA LEU A 68 -0.93 -6.81 25.93
C LEU A 68 -1.90 -5.73 26.33
N ARG A 69 -1.27 -4.64 26.74
CA ARG A 69 -1.93 -3.45 27.24
C ARG A 69 -2.70 -2.72 26.15
N ILE A 70 -1.99 -2.49 25.04
CA ILE A 70 -2.46 -1.73 23.91
C ILE A 70 -3.37 -2.46 22.90
N THR A 71 -3.35 -3.79 22.90
CA THR A 71 -4.13 -4.58 21.97
C THR A 71 -5.10 -5.48 22.70
N ASN A 72 -5.98 -6.12 21.95
CA ASN A 72 -6.93 -6.97 22.61
C ASN A 72 -6.29 -8.26 23.01
N LEU A 73 -5.05 -8.43 22.58
CA LEU A 73 -4.33 -9.67 22.80
C LEU A 73 -4.14 -9.96 24.27
N GLY A 74 -3.94 -8.90 25.03
CA GLY A 74 -3.77 -9.06 26.46
C GLY A 74 -5.03 -9.53 27.18
N ASP A 75 -6.16 -9.54 26.48
CA ASP A 75 -7.37 -9.98 27.12
C ASP A 75 -7.73 -11.38 26.72
N LEU A 76 -6.95 -11.96 25.85
CA LEU A 76 -7.36 -13.26 25.44
C LEU A 76 -7.25 -14.23 26.58
N LYS A 77 -8.01 -15.31 26.47
CA LYS A 77 -7.98 -16.41 27.41
C LYS A 77 -7.84 -17.71 26.63
N VAL A 78 -7.36 -18.77 27.29
CA VAL A 78 -7.20 -20.04 26.58
C VAL A 78 -8.52 -20.47 25.97
N GLY A 79 -8.48 -21.01 24.76
CA GLY A 79 -9.70 -21.47 24.11
C GLY A 79 -10.31 -20.43 23.21
N ASP A 80 -9.77 -19.24 23.31
CA ASP A 80 -10.19 -18.14 22.48
C ASP A 80 -9.52 -18.29 21.13
N TRP A 81 -10.11 -17.68 20.12
CA TRP A 81 -9.59 -17.73 18.77
C TRP A 81 -9.12 -16.39 18.20
N VAL A 82 -8.03 -16.41 17.41
CA VAL A 82 -7.55 -15.20 16.75
C VAL A 82 -7.46 -15.37 15.26
N ASN A 83 -7.51 -14.24 14.59
CA ASN A 83 -7.28 -14.26 13.16
C ASN A 83 -5.77 -14.30 12.95
N VAL A 84 -5.31 -15.13 12.03
CA VAL A 84 -3.90 -15.20 11.73
C VAL A 84 -3.62 -15.06 10.25
N GLU A 85 -2.48 -14.41 9.99
CA GLU A 85 -1.97 -14.15 8.67
C GLU A 85 -0.44 -14.10 8.72
N ARG A 86 0.20 -14.84 7.81
CA ARG A 86 1.65 -14.82 7.75
C ARG A 86 2.10 -13.63 6.93
N ALA A 87 3.34 -13.23 7.10
CA ALA A 87 3.78 -12.08 6.35
C ALA A 87 3.72 -12.24 4.85
N ALA A 88 3.58 -11.09 4.23
CA ALA A 88 3.45 -10.94 2.79
C ALA A 88 4.79 -10.91 2.05
N LYS A 89 4.79 -11.54 0.89
CA LYS A 89 5.96 -11.49 0.07
C LYS A 89 5.66 -10.89 -1.28
N PHE A 90 6.70 -10.47 -1.96
CA PHE A 90 6.49 -9.79 -3.19
C PHE A 90 5.72 -10.59 -4.20
N SER A 91 5.72 -11.89 -4.06
CA SER A 91 4.97 -12.67 -5.04
C SER A 91 3.47 -12.83 -4.69
N ASP A 92 3.03 -12.28 -3.54
CA ASP A 92 1.65 -12.42 -3.16
C ASP A 92 0.80 -11.30 -3.66
N GLU A 93 -0.43 -11.62 -4.02
CA GLU A 93 -1.30 -10.51 -4.41
C GLU A 93 -1.88 -9.92 -3.17
N ILE A 94 -2.14 -8.65 -3.27
CA ILE A 94 -2.68 -7.91 -2.16
C ILE A 94 -4.21 -7.92 -2.25
N GLY A 95 -4.84 -8.95 -1.69
CA GLY A 95 -6.29 -9.06 -1.73
C GLY A 95 -7.04 -7.89 -1.07
N GLY A 96 -6.40 -7.33 -0.02
CA GLY A 96 -6.94 -6.22 0.74
C GLY A 96 -6.21 -4.90 0.51
N HIS A 97 -5.46 -4.52 1.53
CA HIS A 97 -4.64 -3.33 1.49
C HIS A 97 -3.35 -3.62 2.25
N LEU A 98 -2.34 -2.83 1.98
CA LEU A 98 -1.09 -3.10 2.64
C LEU A 98 -1.03 -2.61 4.06
N MET A 99 -1.00 -3.59 4.94
CA MET A 99 -1.07 -3.39 6.35
C MET A 99 0.29 -3.64 7.00
N SER A 100 0.56 -2.86 8.03
CA SER A 100 1.79 -2.93 8.80
C SER A 100 1.79 -4.02 9.83
N GLY A 101 0.70 -4.20 10.53
CA GLY A 101 0.72 -5.19 11.60
C GLY A 101 1.02 -4.49 12.92
N HIS A 102 0.98 -3.17 12.78
CA HIS A 102 1.21 -2.24 13.87
C HIS A 102 -0.11 -1.69 14.47
N ILE A 103 -0.49 -2.20 15.63
CA ILE A 103 -1.69 -1.76 16.33
C ILE A 103 -1.41 -0.73 17.41
N MET A 104 -2.10 0.39 17.39
CA MET A 104 -1.90 1.36 18.45
C MET A 104 -3.18 1.61 19.20
N THR A 105 -4.27 1.44 18.44
CA THR A 105 -5.61 1.60 18.96
C THR A 105 -6.55 0.43 18.70
N THR A 106 -7.55 0.41 19.56
CA THR A 106 -8.63 -0.56 19.49
C THR A 106 -9.91 0.23 19.36
N ALA A 107 -10.97 -0.47 18.97
CA ALA A 107 -12.29 0.11 18.86
C ALA A 107 -13.25 -0.84 19.46
N GLU A 108 -14.41 -0.32 19.76
CA GLU A 108 -15.46 -1.11 20.36
C GLU A 108 -16.70 -1.27 19.48
N VAL A 109 -17.19 -2.50 19.49
CA VAL A 109 -18.35 -2.84 18.70
C VAL A 109 -19.50 -2.09 19.34
N ALA A 110 -19.97 -1.06 18.66
CA ALA A 110 -21.00 -0.20 19.18
C ALA A 110 -22.41 -0.70 18.91
N LYS A 111 -22.61 -1.29 17.74
CA LYS A 111 -23.94 -1.70 17.32
C LYS A 111 -23.85 -2.67 16.17
N ILE A 112 -24.74 -3.67 16.16
CA ILE A 112 -24.83 -4.61 15.07
C ILE A 112 -26.24 -4.70 14.49
N LEU A 113 -26.37 -4.37 13.21
CA LEU A 113 -27.62 -4.47 12.46
C LEU A 113 -27.64 -5.68 11.51
N THR A 114 -28.28 -6.76 11.94
CA THR A 114 -28.37 -7.99 11.18
C THR A 114 -29.71 -8.15 10.48
N SER A 115 -29.65 -8.41 9.16
CA SER A 115 -30.82 -8.67 8.35
C SER A 115 -30.63 -9.90 7.52
N GLU A 116 -31.62 -10.23 6.70
CA GLU A 116 -31.52 -11.41 5.84
C GLU A 116 -30.30 -11.25 4.89
N ASN A 117 -29.30 -12.12 5.01
CA ASN A 117 -28.14 -12.07 4.13
C ASN A 117 -27.09 -10.97 4.43
N ASN A 118 -27.36 -10.06 5.39
CA ASN A 118 -26.49 -8.94 5.66
C ASN A 118 -26.19 -8.70 7.12
N ARG A 119 -25.06 -8.04 7.36
CA ARG A 119 -24.56 -7.68 8.69
C ARG A 119 -23.70 -6.44 8.61
N GLN A 120 -24.09 -5.42 9.35
CA GLN A 120 -23.39 -4.15 9.38
C GLN A 120 -22.98 -3.84 10.82
N ILE A 121 -21.69 -3.63 11.05
CA ILE A 121 -21.15 -3.32 12.36
C ILE A 121 -20.62 -1.93 12.44
N TRP A 122 -20.91 -1.31 13.59
CA TRP A 122 -20.50 0.04 13.90
C TRP A 122 -19.46 -0.03 14.99
N PHE A 123 -18.40 0.72 14.78
CA PHE A 123 -17.33 0.72 15.77
C PHE A 123 -17.12 2.11 16.33
N LYS A 124 -16.80 2.11 17.60
CA LYS A 124 -16.50 3.39 18.15
C LYS A 124 -15.01 3.55 18.48
N VAL A 125 -14.43 4.59 17.91
CA VAL A 125 -13.05 4.87 18.05
C VAL A 125 -12.78 5.44 19.40
N GLN A 126 -11.68 4.96 19.91
CA GLN A 126 -11.08 5.36 21.15
C GLN A 126 -10.50 6.75 20.94
N ASP A 127 -9.75 6.89 19.85
CA ASP A 127 -9.17 8.18 19.51
C ASP A 127 -9.84 8.87 18.35
N SER A 128 -10.69 9.81 18.71
CA SER A 128 -11.37 10.58 17.69
C SER A 128 -10.41 11.35 16.80
N GLN A 129 -9.18 11.53 17.26
CA GLN A 129 -8.26 12.25 16.41
C GLN A 129 -7.95 11.41 15.19
N LEU A 130 -8.19 10.13 15.35
CA LEU A 130 -7.90 9.22 14.28
C LEU A 130 -8.92 9.15 13.17
N MET A 131 -10.14 9.61 13.40
CA MET A 131 -11.17 9.54 12.38
C MET A 131 -10.77 10.20 11.08
N LYS A 132 -9.73 10.99 11.14
CA LYS A 132 -9.34 11.70 9.96
C LYS A 132 -8.61 10.82 8.95
N TYR A 133 -8.30 9.62 9.41
CA TYR A 133 -7.62 8.60 8.61
C TYR A 133 -8.59 7.54 8.13
N ILE A 134 -9.82 7.68 8.59
CA ILE A 134 -10.87 6.75 8.29
C ILE A 134 -11.85 7.41 7.35
N LEU A 135 -11.69 7.16 6.06
CA LEU A 135 -12.56 7.81 5.11
C LEU A 135 -13.62 6.89 4.48
N TYR A 136 -14.69 7.52 4.01
CA TYR A 136 -15.79 6.83 3.33
C TYR A 136 -15.24 6.02 2.14
N LYS A 137 -15.55 4.72 2.14
CA LYS A 137 -15.11 3.85 1.05
C LYS A 137 -13.60 3.57 1.09
N GLY A 138 -12.96 3.97 2.18
CA GLY A 138 -11.54 3.75 2.38
C GLY A 138 -11.34 2.37 2.91
N PHE A 139 -10.12 2.11 3.40
CA PHE A 139 -9.78 0.84 3.94
C PHE A 139 -9.55 0.98 5.42
N ILE A 140 -9.70 -0.10 6.14
CA ILE A 140 -9.45 -0.04 7.55
C ILE A 140 -9.09 -1.44 7.96
N GLY A 141 -8.22 -1.57 8.96
CA GLY A 141 -7.86 -2.88 9.42
C GLY A 141 -8.57 -3.19 10.71
N ILE A 142 -9.19 -4.36 10.75
CA ILE A 142 -9.93 -4.78 11.92
C ILE A 142 -9.55 -6.17 12.36
N ASP A 143 -8.91 -6.25 13.51
CA ASP A 143 -8.48 -7.54 13.97
C ASP A 143 -7.70 -8.28 12.89
N GLY A 144 -7.01 -7.51 12.06
CA GLY A 144 -6.17 -8.05 11.00
C GLY A 144 -6.91 -8.20 9.69
N ILE A 145 -8.20 -7.84 9.72
CA ILE A 145 -9.07 -7.94 8.56
C ILE A 145 -9.11 -6.67 7.79
N SER A 146 -8.84 -6.81 6.53
CA SER A 146 -8.91 -5.63 5.68
C SER A 146 -10.39 -5.45 5.30
N LEU A 147 -10.96 -4.26 5.56
CA LEU A 147 -12.37 -3.97 5.30
C LEU A 147 -12.60 -2.60 4.72
N THR A 148 -13.69 -2.48 3.97
CA THR A 148 -14.08 -1.23 3.36
C THR A 148 -14.85 -0.39 4.37
N VAL A 149 -14.49 0.88 4.50
CA VAL A 149 -15.13 1.75 5.45
C VAL A 149 -16.47 2.22 4.89
N GLY A 150 -17.51 1.88 5.63
CA GLY A 150 -18.84 2.30 5.28
C GLY A 150 -19.01 3.74 5.74
N GLU A 151 -20.18 4.03 6.27
CA GLU A 151 -20.48 5.36 6.70
C GLU A 151 -19.65 5.70 7.93
N VAL A 152 -19.22 6.93 7.97
CA VAL A 152 -18.42 7.31 9.11
C VAL A 152 -19.01 8.54 9.77
N THR A 153 -18.70 8.67 11.04
CA THR A 153 -19.05 9.82 11.84
C THR A 153 -17.83 10.30 12.57
N PRO A 154 -18.01 11.32 13.40
CA PRO A 154 -16.91 11.89 14.14
C PRO A 154 -16.44 10.96 15.21
N THR A 155 -17.32 10.05 15.64
CA THR A 155 -16.90 9.14 16.69
C THR A 155 -16.92 7.67 16.33
N ARG A 156 -17.60 7.32 15.23
CA ARG A 156 -17.73 5.93 14.83
C ARG A 156 -17.70 5.75 13.32
N PHE A 157 -17.63 4.49 12.90
CA PHE A 157 -17.70 4.19 11.49
C PHE A 157 -18.30 2.82 11.37
N CYS A 158 -18.85 2.43 10.21
CA CYS A 158 -19.39 1.07 10.17
C CYS A 158 -18.83 0.28 8.99
N VAL A 159 -19.05 -1.03 9.00
CA VAL A 159 -18.63 -1.87 7.90
C VAL A 159 -19.74 -2.86 7.54
N HIS A 160 -19.89 -3.17 6.25
CA HIS A 160 -20.87 -4.15 5.80
C HIS A 160 -20.16 -5.43 5.50
N LEU A 161 -20.64 -6.54 6.02
CA LEU A 161 -19.96 -7.82 5.81
C LEU A 161 -20.58 -8.77 4.81
N ILE A 162 -19.73 -9.63 4.25
CA ILE A 162 -20.17 -10.68 3.35
C ILE A 162 -19.94 -11.94 4.11
N PRO A 163 -20.64 -12.97 3.70
CA PRO A 163 -20.58 -14.26 4.35
C PRO A 163 -19.18 -14.83 4.50
N GLU A 164 -18.43 -14.66 3.44
CA GLU A 164 -17.06 -15.14 3.37
C GLU A 164 -16.22 -14.67 4.56
N THR A 165 -16.39 -13.38 4.85
CA THR A 165 -15.71 -12.77 5.97
C THR A 165 -16.11 -13.43 7.27
N LEU A 166 -17.41 -13.58 7.42
CA LEU A 166 -17.94 -14.19 8.61
C LEU A 166 -17.55 -15.65 8.77
N GLU A 167 -17.23 -16.32 7.66
CA GLU A 167 -16.87 -17.71 7.70
C GLU A 167 -15.38 -17.95 7.90
N ARG A 168 -14.59 -16.94 7.59
CA ARG A 168 -13.15 -17.07 7.70
C ARG A 168 -12.50 -16.44 8.92
N THR A 169 -13.11 -15.40 9.47
CA THR A 169 -12.57 -14.71 10.62
C THR A 169 -13.40 -14.94 11.89
N THR A 170 -13.00 -14.29 12.99
CA THR A 170 -13.71 -14.40 14.26
C THR A 170 -14.67 -13.24 14.41
N LEU A 171 -14.68 -12.36 13.42
CA LEU A 171 -15.48 -11.15 13.48
C LEU A 171 -16.93 -11.43 13.81
N GLY A 172 -17.50 -12.40 13.15
CA GLY A 172 -18.91 -12.66 13.32
C GLY A 172 -19.26 -13.09 14.73
N LYS A 173 -18.28 -13.47 15.51
CA LYS A 173 -18.61 -13.93 16.83
C LYS A 173 -18.46 -12.89 17.90
N LYS A 174 -18.09 -11.70 17.48
CA LYS A 174 -17.85 -10.67 18.45
C LYS A 174 -19.12 -10.01 18.88
N LYS A 175 -19.34 -9.92 20.17
CA LYS A 175 -20.56 -9.31 20.68
C LYS A 175 -20.37 -7.82 20.88
N LEU A 176 -21.48 -7.14 21.11
CA LEU A 176 -21.46 -5.72 21.41
C LEU A 176 -20.47 -5.51 22.56
N GLY A 177 -19.73 -4.41 22.55
CA GLY A 177 -18.78 -4.22 23.62
C GLY A 177 -17.37 -4.73 23.31
N ALA A 178 -17.29 -5.80 22.51
CA ALA A 178 -16.03 -6.40 22.11
C ALA A 178 -15.03 -5.35 21.65
N ARG A 179 -13.78 -5.52 22.04
CA ARG A 179 -12.70 -4.64 21.66
C ARG A 179 -11.95 -5.27 20.50
N VAL A 180 -11.79 -4.54 19.39
CA VAL A 180 -11.12 -5.03 18.24
C VAL A 180 -9.86 -4.17 17.93
N ASN A 181 -8.81 -4.82 17.47
CA ASN A 181 -7.61 -4.07 17.16
C ASN A 181 -7.83 -3.26 15.92
N ILE A 182 -7.45 -2.00 15.96
CA ILE A 182 -7.62 -1.19 14.78
C ILE A 182 -6.30 -0.78 14.18
N GLU A 183 -6.27 -0.77 12.86
CA GLU A 183 -5.10 -0.27 12.16
C GLU A 183 -5.52 0.61 11.04
N ILE A 184 -5.08 1.84 11.10
CA ILE A 184 -5.38 2.79 10.06
C ILE A 184 -4.59 2.45 8.80
N ASP A 185 -5.19 2.61 7.64
CA ASP A 185 -4.46 2.33 6.41
C ASP A 185 -3.23 3.20 6.34
N PRO A 186 -2.06 2.58 6.33
CA PRO A 186 -0.80 3.29 6.32
C PRO A 186 -0.68 4.31 5.22
N GLN A 187 -1.05 3.91 4.01
CA GLN A 187 -0.99 4.76 2.85
C GLN A 187 -1.89 5.95 3.05
N THR A 188 -3.02 5.75 3.70
CA THR A 188 -3.91 6.86 3.95
C THR A 188 -3.35 7.83 4.98
N GLN A 189 -2.83 7.29 6.05
CA GLN A 189 -2.23 8.13 7.06
C GLN A 189 -1.13 8.98 6.45
N ALA A 190 -0.32 8.34 5.64
CA ALA A 190 0.75 9.05 4.99
C ALA A 190 0.25 10.23 4.19
N VAL A 191 -0.77 10.00 3.36
CA VAL A 191 -1.32 11.08 2.56
C VAL A 191 -1.82 12.23 3.42
N VAL A 192 -2.52 11.87 4.46
CA VAL A 192 -3.10 12.89 5.31
C VAL A 192 -2.04 13.69 6.03
N ASP A 193 -1.07 12.98 6.56
CA ASP A 193 0.02 13.64 7.28
C ASP A 193 0.87 14.53 6.40
N THR A 194 1.10 14.06 5.19
CA THR A 194 1.81 14.85 4.24
C THR A 194 1.07 16.12 3.89
N VAL A 195 -0.25 16.05 3.78
CA VAL A 195 -0.97 17.26 3.40
C VAL A 195 -0.88 18.30 4.52
N GLU A 196 -1.04 17.84 5.74
CA GLU A 196 -0.98 18.74 6.87
C GLU A 196 0.35 19.47 6.95
N ARG A 197 1.43 18.73 6.76
CA ARG A 197 2.75 19.33 6.74
C ARG A 197 2.88 20.36 5.65
N VAL A 198 2.38 20.01 4.48
CA VAL A 198 2.43 20.96 3.42
C VAL A 198 1.68 22.20 3.81
N LEU A 199 0.45 22.04 4.30
CA LEU A 199 -0.39 23.17 4.65
C LEU A 199 0.21 24.00 5.77
N ALA A 200 0.93 23.32 6.65
CA ALA A 200 1.56 24.02 7.75
C ALA A 200 2.72 24.84 7.23
N ALA A 201 3.51 24.15 6.45
CA ALA A 201 4.65 24.76 5.83
C ALA A 201 4.24 26.01 5.05
N ARG A 202 3.15 25.88 4.34
CA ARG A 202 2.70 27.00 3.56
C ARG A 202 2.19 28.13 4.43
N GLU A 203 1.55 27.76 5.51
CA GLU A 203 1.02 28.76 6.43
C GLU A 203 2.11 29.59 7.06
N ASN A 204 3.25 28.98 7.31
CA ASN A 204 4.33 29.71 7.94
C ASN A 204 5.02 30.61 6.94
N ALA A 205 5.21 30.05 5.76
CA ALA A 205 5.84 30.69 4.61
C ALA A 205 5.07 31.94 4.21
N MET A 206 3.92 32.11 4.85
CA MET A 206 3.13 33.29 4.64
C MET A 206 3.31 34.19 5.85
N MET B 1 12.75 -3.65 -7.86
CA MET B 1 12.63 -2.51 -6.94
C MET B 1 13.47 -2.66 -5.67
N PHE B 2 13.59 -1.55 -4.96
CA PHE B 2 14.39 -1.50 -3.76
C PHE B 2 13.60 -1.09 -2.53
N THR B 3 14.06 -1.48 -1.33
CA THR B 3 13.37 -1.15 -0.08
C THR B 3 13.91 0.01 0.74
N GLY B 4 15.15 0.41 0.45
CA GLY B 4 15.78 1.47 1.21
C GLY B 4 16.56 0.84 2.35
N ILE B 5 16.55 -0.50 2.36
CA ILE B 5 17.29 -1.27 3.34
C ILE B 5 18.57 -1.78 2.68
N VAL B 6 19.63 -1.05 2.92
CA VAL B 6 20.92 -1.39 2.36
C VAL B 6 21.32 -2.78 2.79
N GLN B 7 21.75 -3.61 1.84
CA GLN B 7 22.21 -4.97 2.07
C GLN B 7 23.69 -5.12 2.41
N GLY B 8 24.46 -4.03 2.26
CA GLY B 8 25.89 -4.06 2.52
C GLY B 8 26.63 -2.90 1.85
N THR B 9 27.96 -2.88 2.02
CA THR B 9 28.82 -1.85 1.43
C THR B 9 29.88 -2.57 0.64
N ALA B 10 30.29 -1.98 -0.47
CA ALA B 10 31.26 -2.64 -1.30
C ALA B 10 32.27 -1.64 -1.73
N LYS B 11 33.51 -2.10 -1.86
CA LYS B 11 34.59 -1.23 -2.25
C LYS B 11 34.78 -1.21 -3.75
N LEU B 12 35.07 -0.03 -4.28
CA LEU B 12 35.34 0.15 -5.69
C LEU B 12 36.78 -0.25 -5.95
N VAL B 13 36.96 -1.37 -6.64
CA VAL B 13 38.29 -1.88 -6.88
C VAL B 13 38.80 -1.51 -8.24
N SER B 14 37.91 -1.06 -9.14
CA SER B 14 38.32 -0.68 -10.48
C SER B 14 37.35 0.21 -11.21
N ILE B 15 37.91 1.15 -11.96
CA ILE B 15 37.18 2.08 -12.80
C ILE B 15 37.79 2.08 -14.20
N ASP B 16 37.06 1.59 -15.21
CA ASP B 16 37.52 1.58 -16.61
C ASP B 16 36.82 2.70 -17.38
N GLU B 17 37.55 3.79 -17.64
CA GLU B 17 36.97 4.93 -18.32
C GLU B 17 36.89 4.85 -19.82
N LYS B 18 35.74 5.25 -20.29
CA LYS B 18 35.44 5.37 -21.70
C LYS B 18 34.84 6.75 -21.94
N PRO B 19 34.67 7.07 -23.20
CA PRO B 19 34.16 8.38 -23.59
C PRO B 19 32.70 8.53 -23.25
N ASN B 20 31.95 7.52 -23.60
CA ASN B 20 30.53 7.62 -23.37
C ASN B 20 29.99 7.06 -22.05
N PHE B 21 30.73 6.13 -21.49
CA PHE B 21 30.36 5.53 -20.21
C PHE B 21 31.59 5.26 -19.37
N ARG B 22 31.39 4.53 -18.29
CA ARG B 22 32.46 4.17 -17.38
C ARG B 22 32.12 2.86 -16.72
N THR B 23 33.15 2.10 -16.39
CA THR B 23 32.90 0.83 -15.77
C THR B 23 33.47 0.75 -14.37
N HIS B 24 32.57 0.50 -13.42
CA HIS B 24 32.96 0.40 -12.05
C HIS B 24 32.87 -1.04 -11.69
N VAL B 25 33.95 -1.53 -11.11
CA VAL B 25 34.00 -2.88 -10.63
C VAL B 25 34.07 -2.77 -9.13
N VAL B 26 33.13 -3.44 -8.48
CA VAL B 26 33.10 -3.41 -7.04
C VAL B 26 33.30 -4.79 -6.48
N GLU B 27 33.68 -4.81 -5.23
CA GLU B 27 33.82 -6.06 -4.54
C GLU B 27 32.60 -6.17 -3.63
N LEU B 28 31.68 -7.08 -3.98
CA LEU B 28 30.43 -7.27 -3.24
C LEU B 28 30.57 -8.26 -2.11
N PRO B 29 29.91 -7.92 -0.99
CA PRO B 29 29.88 -8.77 0.19
C PRO B 29 29.46 -10.15 -0.24
N ASP B 30 30.22 -11.15 0.18
CA ASP B 30 29.94 -12.51 -0.26
C ASP B 30 28.47 -12.87 -0.17
N HIS B 31 27.86 -12.35 0.88
CA HIS B 31 26.46 -12.67 1.02
C HIS B 31 25.58 -12.16 -0.09
N MET B 32 26.10 -11.30 -0.94
CA MET B 32 25.26 -10.79 -1.99
C MET B 32 25.46 -11.49 -3.32
N LEU B 33 26.22 -12.57 -3.35
CA LEU B 33 26.52 -13.18 -4.65
C LEU B 33 25.60 -14.28 -5.18
N ASP B 34 25.03 -15.06 -4.25
CA ASP B 34 24.12 -16.12 -4.62
C ASP B 34 22.82 -15.62 -5.24
N GLY B 35 22.63 -16.00 -6.49
CA GLY B 35 21.46 -15.68 -7.25
C GLY B 35 21.75 -14.55 -8.21
N LEU B 36 22.83 -13.82 -7.95
CA LEU B 36 23.16 -12.69 -8.80
C LEU B 36 23.50 -13.08 -10.22
N GLU B 37 22.89 -12.39 -11.20
CA GLU B 37 23.17 -12.66 -12.59
C GLU B 37 23.37 -11.38 -13.36
N THR B 38 23.99 -11.48 -14.53
CA THR B 38 24.11 -10.31 -15.36
C THR B 38 22.70 -9.82 -15.61
N GLY B 39 22.54 -8.53 -15.84
CA GLY B 39 21.20 -8.02 -16.02
C GLY B 39 20.51 -7.71 -14.70
N ALA B 40 21.05 -8.25 -13.58
CA ALA B 40 20.51 -7.96 -12.24
C ALA B 40 20.64 -6.47 -11.90
N SER B 41 19.68 -5.95 -11.14
CA SER B 41 19.73 -4.57 -10.74
C SER B 41 20.29 -4.50 -9.35
N VAL B 42 21.27 -3.60 -9.20
CA VAL B 42 21.90 -3.36 -7.91
C VAL B 42 22.00 -1.85 -7.73
N ALA B 43 21.57 -1.38 -6.57
CA ALA B 43 21.66 0.04 -6.38
C ALA B 43 22.94 0.40 -5.66
N HIS B 44 23.59 1.41 -6.20
CA HIS B 44 24.81 1.91 -5.64
C HIS B 44 24.52 3.26 -5.09
N ASN B 45 24.56 3.39 -3.79
CA ASN B 45 24.29 4.73 -3.29
C ASN B 45 22.91 5.20 -3.72
N GLY B 46 22.00 4.23 -3.80
CA GLY B 46 20.61 4.46 -4.17
C GLY B 46 20.36 4.65 -5.65
N CYS B 47 21.37 4.45 -6.47
CA CYS B 47 21.23 4.61 -7.90
C CYS B 47 21.23 3.24 -8.60
N CYS B 48 20.12 2.91 -9.26
CA CYS B 48 19.96 1.61 -9.91
C CYS B 48 20.95 1.38 -11.03
N LEU B 49 21.67 0.26 -10.97
CA LEU B 49 22.66 -0.14 -11.98
C LEU B 49 22.52 -1.62 -12.32
N THR B 50 23.00 -1.95 -13.52
CA THR B 50 22.94 -3.32 -14.02
C THR B 50 24.30 -4.01 -14.14
N VAL B 51 24.32 -5.27 -13.67
CA VAL B 51 25.49 -6.13 -13.65
C VAL B 51 25.98 -6.47 -15.03
N THR B 52 27.16 -5.99 -15.43
CA THR B 52 27.63 -6.35 -16.74
C THR B 52 28.49 -7.61 -16.68
N GLU B 53 29.12 -7.86 -15.55
CA GLU B 53 29.96 -9.04 -15.49
C GLU B 53 30.22 -9.48 -14.05
N ILE B 54 30.42 -10.79 -13.90
CA ILE B 54 30.75 -11.39 -12.63
C ILE B 54 32.02 -12.19 -12.67
N ASN B 55 33.07 -11.62 -12.09
CA ASN B 55 34.32 -12.32 -11.96
C ASN B 55 34.46 -12.54 -10.47
N GLY B 56 34.01 -13.70 -10.00
CA GLY B 56 34.08 -13.96 -8.58
C GLY B 56 33.27 -12.94 -7.82
N ASN B 57 33.81 -12.45 -6.71
CA ASN B 57 33.08 -11.45 -5.95
C ASN B 57 33.28 -10.03 -6.46
N HIS B 58 33.91 -9.90 -7.60
CA HIS B 58 34.11 -8.60 -8.21
C HIS B 58 33.09 -8.48 -9.30
N VAL B 59 32.17 -7.53 -9.12
CA VAL B 59 31.08 -7.33 -10.03
C VAL B 59 31.16 -6.03 -10.80
N SER B 60 30.80 -6.12 -12.09
CA SER B 60 30.89 -5.01 -13.00
C SER B 60 29.56 -4.41 -13.39
N PHE B 61 29.63 -3.10 -13.61
CA PHE B 61 28.50 -2.29 -13.97
C PHE B 61 29.05 -1.17 -14.83
N ASP B 62 28.22 -0.67 -15.74
CA ASP B 62 28.63 0.47 -16.55
C ASP B 62 27.80 1.68 -16.15
N LEU B 63 28.39 2.85 -16.23
CA LEU B 63 27.65 4.02 -15.82
C LEU B 63 27.66 5.05 -16.94
N MET B 64 26.49 5.51 -17.34
CA MET B 64 26.36 6.50 -18.39
C MET B 64 27.00 7.82 -18.02
N LYS B 65 27.43 8.56 -19.04
CA LYS B 65 28.03 9.86 -18.80
C LYS B 65 27.11 10.79 -18.00
N GLU B 66 25.82 10.73 -18.31
CA GLU B 66 24.85 11.57 -17.63
C GLU B 66 24.75 11.19 -16.16
N THR B 67 24.45 9.92 -15.94
CA THR B 67 24.33 9.36 -14.61
C THR B 67 25.52 9.74 -13.74
N LEU B 68 26.68 9.84 -14.38
CA LEU B 68 27.91 10.24 -13.73
C LEU B 68 27.91 11.69 -13.24
N ARG B 69 27.43 12.65 -14.06
CA ARG B 69 27.41 14.02 -13.59
C ARG B 69 26.29 14.24 -12.60
N ILE B 70 25.19 13.55 -12.85
CA ILE B 70 24.00 13.65 -12.02
C ILE B 70 24.10 13.10 -10.61
N THR B 71 24.91 12.07 -10.39
CA THR B 71 25.01 11.48 -9.06
C THR B 71 26.40 11.66 -8.45
N ASN B 72 26.61 11.06 -7.27
CA ASN B 72 27.91 11.13 -6.62
C ASN B 72 28.84 10.01 -7.11
N LEU B 73 28.31 9.12 -7.94
CA LEU B 73 29.08 7.99 -8.43
C LEU B 73 30.24 8.41 -9.32
N GLY B 74 30.09 9.61 -9.87
CA GLY B 74 31.10 10.15 -10.74
C GLY B 74 32.31 10.55 -9.93
N ASP B 75 32.03 10.91 -8.69
CA ASP B 75 33.02 11.33 -7.73
C ASP B 75 33.89 10.16 -7.25
N LEU B 76 33.43 8.95 -7.48
CA LEU B 76 34.16 7.84 -6.92
C LEU B 76 35.60 7.69 -7.42
N LYS B 77 36.46 7.19 -6.52
CA LYS B 77 37.84 6.85 -6.78
C LYS B 77 37.97 5.44 -6.30
N VAL B 78 38.85 4.69 -6.96
CA VAL B 78 39.15 3.31 -6.61
C VAL B 78 39.48 3.31 -5.11
N GLY B 79 38.90 2.37 -4.35
CA GLY B 79 39.10 2.32 -2.91
C GLY B 79 37.93 2.93 -2.12
N ASP B 80 37.15 3.76 -2.79
CA ASP B 80 35.99 4.34 -2.18
C ASP B 80 34.95 3.27 -1.91
N TRP B 81 34.00 3.59 -1.05
CA TRP B 81 32.93 2.66 -0.71
C TRP B 81 31.53 3.18 -1.07
N VAL B 82 30.66 2.23 -1.43
CA VAL B 82 29.29 2.51 -1.76
C VAL B 82 28.38 1.60 -0.99
N ASN B 83 27.17 2.12 -0.84
CA ASN B 83 26.09 1.36 -0.28
C ASN B 83 25.51 0.54 -1.42
N VAL B 84 25.22 -0.71 -1.15
CA VAL B 84 24.69 -1.58 -2.18
C VAL B 84 23.46 -2.33 -1.70
N GLU B 85 22.56 -2.62 -2.62
CA GLU B 85 21.35 -3.36 -2.32
C GLU B 85 20.84 -4.03 -3.59
N ARG B 86 20.54 -5.32 -3.52
CA ARG B 86 19.99 -5.94 -4.69
C ARG B 86 18.52 -5.61 -4.75
N ALA B 87 18.01 -5.52 -5.97
CA ALA B 87 16.61 -5.24 -6.11
C ALA B 87 15.84 -6.36 -5.43
N ALA B 88 14.60 -6.09 -5.07
CA ALA B 88 13.84 -7.12 -4.38
C ALA B 88 13.47 -8.29 -5.27
N LYS B 89 13.29 -9.42 -4.60
CA LYS B 89 12.97 -10.69 -5.17
C LYS B 89 11.54 -11.08 -4.82
N PHE B 90 10.87 -11.80 -5.74
CA PHE B 90 9.52 -12.33 -5.57
C PHE B 90 9.33 -12.95 -4.23
N SER B 91 10.38 -13.65 -3.85
CA SER B 91 10.32 -14.38 -2.62
C SER B 91 10.65 -13.50 -1.46
N ASP B 92 11.07 -12.27 -1.72
CA ASP B 92 11.40 -11.44 -0.58
C ASP B 92 10.16 -11.05 0.17
N GLU B 93 10.24 -11.03 1.49
CA GLU B 93 9.15 -10.55 2.29
C GLU B 93 9.03 -9.07 2.00
N ILE B 94 7.81 -8.55 1.85
CA ILE B 94 7.60 -7.13 1.61
C ILE B 94 8.01 -6.35 2.83
N GLY B 95 8.91 -5.37 2.64
CA GLY B 95 9.49 -4.57 3.72
C GLY B 95 10.13 -3.27 3.23
N GLY B 96 10.82 -2.53 4.13
CA GLY B 96 11.49 -1.28 3.79
C GLY B 96 10.52 -0.17 3.39
N HIS B 97 10.92 0.65 2.45
CA HIS B 97 10.09 1.73 1.95
C HIS B 97 10.47 1.71 0.51
N LEU B 98 9.56 1.19 -0.27
CA LEU B 98 9.85 1.01 -1.66
C LEU B 98 10.35 2.24 -2.41
N MET B 99 11.62 2.12 -2.83
CA MET B 99 12.35 3.11 -3.60
C MET B 99 12.67 2.51 -4.96
N SER B 100 12.76 3.34 -5.97
CA SER B 100 12.97 2.87 -7.32
C SER B 100 14.42 2.87 -7.82
N GLY B 101 15.31 3.42 -7.01
CA GLY B 101 16.71 3.51 -7.37
C GLY B 101 16.93 4.61 -8.39
N HIS B 102 16.08 5.62 -8.32
CA HIS B 102 16.21 6.76 -9.21
C HIS B 102 16.50 8.00 -8.40
N ILE B 103 17.65 8.62 -8.70
CA ILE B 103 18.17 9.79 -8.00
C ILE B 103 17.80 11.07 -8.73
N MET B 104 17.07 11.92 -8.00
CA MET B 104 16.57 13.18 -8.54
C MET B 104 17.55 14.34 -8.40
N THR B 105 18.35 14.26 -7.34
CA THR B 105 19.35 15.28 -7.07
C THR B 105 20.31 14.75 -6.02
N THR B 106 21.26 15.62 -5.64
CA THR B 106 22.21 15.32 -4.58
C THR B 106 22.19 16.44 -3.56
N ALA B 107 22.83 16.21 -2.43
CA ALA B 107 22.95 17.17 -1.34
C ALA B 107 24.33 17.09 -0.67
N GLU B 108 24.80 18.21 -0.12
CA GLU B 108 26.08 18.30 0.57
C GLU B 108 25.91 18.28 2.08
N VAL B 109 26.76 17.51 2.74
CA VAL B 109 26.69 17.51 4.17
C VAL B 109 27.12 18.88 4.62
N ALA B 110 26.27 19.59 5.40
CA ALA B 110 26.61 20.94 5.79
C ALA B 110 26.94 21.15 7.27
N LYS B 111 26.69 20.13 8.09
CA LYS B 111 26.97 20.25 9.50
C LYS B 111 26.80 18.90 10.15
N ILE B 112 27.62 18.56 11.13
CA ILE B 112 27.49 17.27 11.75
C ILE B 112 27.60 17.44 13.24
N LEU B 113 26.65 16.87 13.98
CA LEU B 113 26.63 16.97 15.42
C LEU B 113 26.49 15.60 16.07
N ARG B 119 23.58 10.91 16.05
CA ARG B 119 24.13 11.71 14.97
C ARG B 119 23.13 12.51 14.08
N GLN B 120 23.24 13.83 14.10
CA GLN B 120 22.32 14.66 13.35
C GLN B 120 23.08 15.34 12.24
N ILE B 121 22.79 14.94 11.00
CA ILE B 121 23.43 15.54 9.84
C ILE B 121 22.51 16.51 9.11
N TRP B 122 23.05 17.66 8.78
CA TRP B 122 22.35 18.66 8.00
C TRP B 122 22.79 18.60 6.54
N PHE B 123 21.85 18.77 5.60
CA PHE B 123 22.24 18.72 4.20
C PHE B 123 21.79 19.93 3.41
N LYS B 124 22.43 20.15 2.27
CA LYS B 124 22.15 21.24 1.36
C LYS B 124 21.84 20.63 0.00
N VAL B 125 20.61 20.75 -0.46
CA VAL B 125 20.17 20.17 -1.72
C VAL B 125 20.72 20.92 -2.92
N GLN B 126 21.09 20.15 -3.94
CA GLN B 126 21.59 20.71 -5.16
C GLN B 126 20.47 21.41 -5.92
N ASP B 127 19.41 20.67 -6.21
CA ASP B 127 18.28 21.28 -6.87
C ASP B 127 17.23 21.60 -5.83
N SER B 128 17.27 22.84 -5.37
CA SER B 128 16.45 23.37 -4.29
C SER B 128 14.95 23.52 -4.55
N GLN B 129 14.53 23.37 -5.81
CA GLN B 129 13.11 23.46 -6.10
C GLN B 129 12.45 22.23 -5.52
N LEU B 130 13.28 21.23 -5.25
CA LEU B 130 12.85 19.97 -4.71
C LEU B 130 12.56 20.02 -3.21
N MET B 131 12.89 21.11 -2.52
CA MET B 131 12.64 21.18 -1.09
C MET B 131 11.17 21.01 -0.74
N LYS B 132 10.30 21.23 -1.72
CA LYS B 132 8.89 21.10 -1.42
C LYS B 132 8.46 19.67 -1.24
N TYR B 133 9.34 18.74 -1.61
CA TYR B 133 9.07 17.33 -1.42
C TYR B 133 9.83 16.78 -0.24
N ILE B 134 10.54 17.66 0.45
CA ILE B 134 11.33 17.26 1.62
C ILE B 134 10.65 17.86 2.84
N LEU B 135 9.92 17.02 3.57
CA LEU B 135 9.10 17.46 4.69
C LEU B 135 9.47 16.86 6.03
N TYR B 136 9.36 17.71 7.04
CA TYR B 136 9.63 17.28 8.39
C TYR B 136 8.72 16.11 8.75
N LYS B 137 9.34 15.07 9.29
CA LYS B 137 8.66 13.85 9.66
C LYS B 137 8.39 12.96 8.48
N GLY B 138 8.70 13.40 7.25
CA GLY B 138 8.45 12.59 6.06
C GLY B 138 9.60 11.65 5.71
N PHE B 139 9.58 11.05 4.53
CA PHE B 139 10.66 10.17 4.16
C PHE B 139 11.51 10.76 3.05
N ILE B 140 12.75 10.34 3.07
CA ILE B 140 13.75 10.74 2.10
C ILE B 140 14.73 9.60 1.88
N GLY B 141 15.31 9.53 0.67
CA GLY B 141 16.27 8.48 0.32
C GLY B 141 17.67 9.06 0.19
N ILE B 142 18.59 8.62 1.04
CA ILE B 142 19.95 9.18 1.01
C ILE B 142 20.96 8.10 0.73
N ASP B 143 21.59 8.21 -0.44
CA ASP B 143 22.53 7.21 -0.86
C ASP B 143 21.93 5.82 -0.71
N GLY B 144 20.65 5.75 -1.08
CA GLY B 144 19.91 4.52 -1.07
C GLY B 144 19.39 4.12 0.29
N ILE B 145 19.43 5.05 1.22
CA ILE B 145 18.95 4.75 2.56
C ILE B 145 17.61 5.40 2.80
N SER B 146 16.70 4.59 3.30
CA SER B 146 15.38 5.05 3.66
C SER B 146 15.42 5.72 5.03
N LEU B 147 15.24 7.03 5.02
CA LEU B 147 15.30 7.74 6.27
C LEU B 147 14.08 8.63 6.49
N THR B 148 14.10 9.23 7.68
CA THR B 148 13.08 10.14 8.09
C THR B 148 13.68 11.52 8.24
N VAL B 149 13.02 12.49 7.60
CA VAL B 149 13.41 13.88 7.64
C VAL B 149 13.26 14.48 9.02
N GLY B 150 14.34 15.04 9.56
CA GLY B 150 14.27 15.71 10.84
C GLY B 150 13.93 17.15 10.50
N GLU B 151 14.44 18.09 11.28
CA GLU B 151 14.18 19.50 11.08
C GLU B 151 14.55 19.99 9.69
N VAL B 152 13.77 20.99 9.24
CA VAL B 152 13.93 21.58 7.92
C VAL B 152 13.88 23.11 7.90
N THR B 153 14.65 23.69 7.01
CA THR B 153 14.71 25.11 6.71
C THR B 153 14.43 25.16 5.22
N PRO B 154 14.18 26.32 4.68
CA PRO B 154 13.85 26.40 3.27
C PRO B 154 15.06 26.14 2.42
N THR B 155 16.11 25.91 3.15
CA THR B 155 17.37 25.76 2.53
C THR B 155 17.97 24.38 2.78
N ARG B 156 17.80 23.92 4.01
CA ARG B 156 18.43 22.70 4.39
C ARG B 156 17.56 21.82 5.24
N PHE B 157 17.94 20.54 5.30
CA PHE B 157 17.26 19.55 6.10
C PHE B 157 18.23 18.65 6.81
N CYS B 158 17.76 18.16 7.93
CA CYS B 158 18.59 17.29 8.71
C CYS B 158 17.98 15.92 8.91
N VAL B 159 18.83 15.01 9.36
CA VAL B 159 18.43 13.68 9.68
C VAL B 159 19.15 13.24 10.94
N HIS B 160 18.50 12.38 11.68
CA HIS B 160 19.10 11.89 12.88
C HIS B 160 19.39 10.41 12.68
N LEU B 161 20.66 10.08 12.82
CA LEU B 161 21.14 8.74 12.55
C LEU B 161 21.42 7.87 13.76
N ILE B 162 20.88 6.63 13.76
CA ILE B 162 21.11 5.63 14.80
C ILE B 162 22.45 4.93 14.55
N PRO B 163 23.09 4.50 15.63
CA PRO B 163 24.39 3.86 15.50
C PRO B 163 24.47 2.60 14.65
N GLU B 164 23.36 1.92 14.44
CA GLU B 164 23.45 0.77 13.58
C GLU B 164 23.75 1.20 12.16
N THR B 165 22.79 1.93 11.60
CA THR B 165 22.84 2.51 10.27
C THR B 165 24.21 3.03 10.00
N LEU B 166 24.62 3.80 10.98
CA LEU B 166 25.90 4.44 10.99
C LEU B 166 27.01 3.46 10.72
N GLU B 167 26.75 2.19 11.02
CA GLU B 167 27.73 1.15 10.81
C GLU B 167 27.26 -0.01 9.95
N ARG B 168 26.30 0.27 9.13
CA ARG B 168 25.78 -0.68 8.19
C ARG B 168 25.98 -0.05 6.83
N THR B 169 26.04 1.27 6.85
CA THR B 169 26.19 2.05 5.64
C THR B 169 27.39 2.94 5.73
N THR B 170 27.63 3.68 4.66
CA THR B 170 28.73 4.60 4.64
C THR B 170 28.29 5.98 5.13
N LEU B 171 27.04 6.05 5.55
CA LEU B 171 26.51 7.32 5.96
C LEU B 171 27.28 7.90 7.12
N GLY B 172 27.51 7.08 8.12
CA GLY B 172 28.26 7.56 9.26
C GLY B 172 29.67 8.01 8.93
N LYS B 173 30.24 7.50 7.84
CA LYS B 173 31.60 7.83 7.48
C LYS B 173 31.69 9.09 6.65
N LYS B 174 30.54 9.72 6.39
CA LYS B 174 30.58 10.91 5.57
C LYS B 174 31.04 12.13 6.30
N LYS B 175 31.82 12.92 5.60
CA LYS B 175 32.36 14.14 6.15
C LYS B 175 31.75 15.37 5.54
N LEU B 176 31.95 16.49 6.23
CA LEU B 176 31.41 17.76 5.81
C LEU B 176 31.75 18.04 4.36
N GLY B 177 30.75 18.54 3.63
CA GLY B 177 30.97 18.85 2.23
C GLY B 177 30.88 17.59 1.35
N ALA B 178 30.55 16.46 1.95
CA ALA B 178 30.37 15.26 1.13
C ALA B 178 29.08 15.37 0.31
N ARG B 179 29.04 14.81 -0.91
CA ARG B 179 27.86 14.81 -1.80
C ARG B 179 27.08 13.49 -1.62
N VAL B 180 25.77 13.57 -1.41
CA VAL B 180 25.02 12.34 -1.26
C VAL B 180 23.91 12.27 -2.28
N ASN B 181 23.57 11.06 -2.68
CA ASN B 181 22.52 10.88 -3.66
C ASN B 181 21.16 10.98 -3.02
N ILE B 182 20.26 11.75 -3.67
CA ILE B 182 18.91 11.96 -3.17
C ILE B 182 17.76 11.35 -3.98
N GLU B 183 16.97 10.55 -3.28
CA GLU B 183 15.75 9.99 -3.84
C GLU B 183 14.54 10.52 -3.11
N ILE B 184 13.77 11.29 -3.87
CA ILE B 184 12.55 11.91 -3.38
C ILE B 184 11.46 10.87 -3.34
N ASP B 185 10.85 10.73 -2.19
CA ASP B 185 9.76 9.80 -2.05
C ASP B 185 8.68 10.02 -3.11
N PRO B 186 8.48 9.01 -3.96
CA PRO B 186 7.60 9.11 -5.11
C PRO B 186 6.16 9.45 -4.77
N GLN B 187 5.68 8.82 -3.70
CA GLN B 187 4.32 9.01 -3.22
C GLN B 187 4.12 10.43 -2.66
N THR B 188 5.20 10.98 -2.11
CA THR B 188 5.25 12.34 -1.59
C THR B 188 5.13 13.37 -2.71
N GLN B 189 5.70 13.04 -3.85
CA GLN B 189 5.68 13.94 -4.96
C GLN B 189 4.28 14.10 -5.45
N ALA B 190 3.65 12.95 -5.65
CA ALA B 190 2.28 12.88 -6.12
C ALA B 190 1.37 13.70 -5.22
N VAL B 191 1.49 13.44 -3.92
CA VAL B 191 0.72 14.12 -2.90
C VAL B 191 0.98 15.61 -2.91
N VAL B 192 2.26 15.96 -2.87
CA VAL B 192 2.62 17.36 -2.93
C VAL B 192 2.03 17.97 -4.18
N ASP B 193 2.12 17.22 -5.24
CA ASP B 193 1.57 17.64 -6.51
C ASP B 193 0.04 17.79 -6.53
N THR B 194 -0.65 16.76 -6.02
CA THR B 194 -2.10 16.78 -5.93
C THR B 194 -2.56 17.99 -5.15
N VAL B 195 -1.89 18.25 -4.02
CA VAL B 195 -2.20 19.37 -3.16
C VAL B 195 -2.18 20.66 -3.95
N GLU B 196 -1.09 20.89 -4.61
CA GLU B 196 -1.01 22.14 -5.32
C GLU B 196 -2.08 22.23 -6.38
N ARG B 197 -2.37 21.09 -7.02
CA ARG B 197 -3.41 21.04 -8.04
C ARG B 197 -4.69 21.56 -7.40
N VAL B 198 -5.13 20.81 -6.41
CA VAL B 198 -6.30 21.14 -5.64
C VAL B 198 -6.38 22.59 -5.22
N LEU B 199 -5.32 23.10 -4.62
CA LEU B 199 -5.38 24.47 -4.17
C LEU B 199 -5.65 25.39 -5.34
N ALA B 200 -5.14 24.96 -6.50
CA ALA B 200 -5.25 25.75 -7.71
C ALA B 200 -6.68 25.82 -8.13
N ALA B 201 -7.27 24.65 -8.25
CA ALA B 201 -8.67 24.50 -8.60
C ALA B 201 -9.48 25.45 -7.76
N ARG B 202 -9.15 25.45 -6.47
CA ARG B 202 -9.78 26.27 -5.46
C ARG B 202 -9.73 27.77 -5.77
N GLU B 203 -8.66 28.23 -6.40
CA GLU B 203 -8.56 29.64 -6.72
C GLU B 203 -9.18 29.88 -8.07
N ASN B 204 -8.85 28.99 -8.99
CA ASN B 204 -9.39 29.07 -10.33
C ASN B 204 -10.92 29.04 -10.28
N ALA B 205 -11.46 28.21 -9.39
CA ALA B 205 -12.90 28.13 -9.20
C ALA B 205 -13.44 29.42 -8.60
N MET B 206 -12.52 30.36 -8.39
CA MET B 206 -12.86 31.63 -7.82
C MET B 206 -12.76 32.72 -8.88
N MET C 1 -6.38 -4.35 -3.45
CA MET C 1 -5.84 -3.34 -4.34
C MET C 1 -5.90 -3.81 -5.79
N PHE C 2 -6.07 -2.86 -6.70
CA PHE C 2 -6.09 -3.15 -8.11
C PHE C 2 -5.24 -2.12 -8.83
N THR C 3 -4.94 -2.34 -10.11
CA THR C 3 -4.12 -1.38 -10.83
C THR C 3 -4.99 -0.56 -11.73
N GLY C 4 -6.16 -1.08 -12.07
CA GLY C 4 -7.00 -0.32 -12.96
C GLY C 4 -6.68 -0.66 -14.41
N ILE C 5 -5.86 -1.69 -14.56
CA ILE C 5 -5.56 -2.13 -15.89
C ILE C 5 -6.35 -3.39 -16.07
N VAL C 6 -7.44 -3.29 -16.82
CA VAL C 6 -8.33 -4.45 -16.95
C VAL C 6 -7.65 -5.69 -17.54
N GLN C 7 -7.85 -6.82 -16.92
CA GLN C 7 -7.22 -8.03 -17.41
C GLN C 7 -8.10 -8.90 -18.29
N GLY C 8 -9.36 -8.55 -18.43
CA GLY C 8 -10.23 -9.37 -19.23
C GLY C 8 -11.66 -8.95 -18.98
N THR C 9 -12.56 -9.60 -19.69
CA THR C 9 -13.98 -9.39 -19.56
C THR C 9 -14.59 -10.75 -19.32
N ALA C 10 -15.64 -10.79 -18.52
CA ALA C 10 -16.17 -12.09 -18.21
C ALA C 10 -17.66 -12.03 -18.34
N LYS C 11 -18.23 -13.16 -18.71
CA LYS C 11 -19.66 -13.27 -18.88
C LYS C 11 -20.38 -13.79 -17.65
N LEU C 12 -21.47 -13.10 -17.33
CA LEU C 12 -22.28 -13.50 -16.20
C LEU C 12 -23.13 -14.67 -16.63
N VAL C 13 -22.93 -15.81 -16.01
CA VAL C 13 -23.68 -16.98 -16.41
C VAL C 13 -24.77 -17.42 -15.45
N SER C 14 -24.79 -16.88 -14.23
CA SER C 14 -25.81 -17.27 -13.30
C SER C 14 -26.06 -16.19 -12.29
N ILE C 15 -27.31 -16.04 -11.90
CA ILE C 15 -27.69 -15.06 -10.90
C ILE C 15 -28.67 -15.68 -9.93
N ASP C 16 -28.32 -15.57 -8.65
CA ASP C 16 -29.16 -16.06 -7.58
C ASP C 16 -29.63 -14.89 -6.73
N GLU C 17 -30.88 -14.42 -6.91
CA GLU C 17 -31.37 -13.30 -6.16
C GLU C 17 -32.15 -13.73 -4.94
N LYS C 18 -31.67 -13.18 -3.81
CA LYS C 18 -32.24 -13.31 -2.49
C LYS C 18 -32.49 -11.89 -1.97
N PRO C 19 -33.28 -11.73 -0.91
CA PRO C 19 -33.52 -10.37 -0.43
C PRO C 19 -32.20 -9.71 0.02
N ASN C 20 -31.96 -8.56 -0.57
CA ASN C 20 -30.81 -7.69 -0.41
C ASN C 20 -29.48 -8.37 -0.64
N PHE C 21 -29.46 -9.32 -1.58
CA PHE C 21 -28.26 -10.08 -1.81
C PHE C 21 -28.27 -10.91 -3.09
N ARG C 22 -27.15 -10.91 -3.82
CA ARG C 22 -27.03 -11.73 -5.02
C ARG C 22 -25.78 -12.57 -5.00
N THR C 23 -25.81 -13.66 -5.73
CA THR C 23 -24.63 -14.41 -5.92
C THR C 23 -24.45 -14.50 -7.41
N HIS C 24 -23.43 -13.84 -7.94
CA HIS C 24 -23.15 -13.87 -9.35
C HIS C 24 -22.11 -14.95 -9.67
N VAL C 25 -22.34 -15.67 -10.77
CA VAL C 25 -21.42 -16.67 -11.32
C VAL C 25 -20.90 -16.17 -12.67
N VAL C 26 -19.58 -15.94 -12.74
CA VAL C 26 -18.99 -15.47 -13.99
C VAL C 26 -18.07 -16.53 -14.54
N GLU C 27 -17.96 -16.52 -15.85
CA GLU C 27 -17.12 -17.49 -16.52
C GLU C 27 -15.82 -16.78 -16.80
N LEU C 28 -14.79 -17.11 -16.04
CA LEU C 28 -13.49 -16.46 -16.20
C LEU C 28 -12.60 -17.07 -17.29
N PRO C 29 -11.89 -16.16 -17.97
CA PRO C 29 -10.86 -16.49 -18.93
C PRO C 29 -9.86 -17.35 -18.20
N ASP C 30 -9.45 -18.43 -18.86
CA ASP C 30 -8.53 -19.41 -18.32
C ASP C 30 -7.24 -18.80 -17.73
N HIS C 31 -6.80 -17.72 -18.33
CA HIS C 31 -5.60 -17.07 -17.85
C HIS C 31 -5.79 -16.31 -16.54
N MET C 32 -7.00 -16.25 -16.03
CA MET C 32 -7.19 -15.55 -14.78
C MET C 32 -7.42 -16.55 -13.69
N LEU C 33 -7.51 -17.81 -14.09
CA LEU C 33 -7.78 -18.83 -13.11
C LEU C 33 -6.56 -19.29 -12.39
N ASP C 34 -5.44 -18.96 -13.00
CA ASP C 34 -4.19 -19.44 -12.48
C ASP C 34 -3.84 -18.90 -11.11
N GLY C 35 -3.91 -19.77 -10.13
CA GLY C 35 -3.61 -19.38 -8.77
C GLY C 35 -4.78 -18.75 -8.04
N LEU C 36 -5.93 -18.71 -8.68
CA LEU C 36 -7.10 -18.15 -8.03
C LEU C 36 -7.54 -19.10 -6.94
N GLU C 37 -7.94 -18.59 -5.79
CA GLU C 37 -8.43 -19.41 -4.69
C GLU C 37 -9.63 -18.72 -4.03
N THR C 38 -10.46 -19.49 -3.33
CA THR C 38 -11.59 -18.89 -2.63
C THR C 38 -11.07 -17.93 -1.57
N GLY C 39 -11.77 -16.82 -1.40
CA GLY C 39 -11.31 -15.80 -0.45
C GLY C 39 -10.56 -14.69 -1.18
N ALA C 40 -10.08 -14.98 -2.37
CA ALA C 40 -9.32 -14.00 -3.10
C ALA C 40 -10.22 -12.90 -3.62
N SER C 41 -9.63 -11.75 -3.93
CA SER C 41 -10.36 -10.62 -4.48
C SER C 41 -10.32 -10.50 -5.99
N VAL C 42 -11.45 -10.17 -6.63
CA VAL C 42 -11.51 -9.89 -8.07
C VAL C 42 -12.41 -8.72 -8.25
N ALA C 43 -12.00 -7.78 -9.05
CA ALA C 43 -12.89 -6.67 -9.22
C ALA C 43 -13.72 -6.84 -10.48
N HIS C 44 -15.03 -6.65 -10.30
CA HIS C 44 -16.05 -6.67 -11.35
C HIS C 44 -16.49 -5.26 -11.63
N ASN C 45 -16.16 -4.81 -12.83
CA ASN C 45 -16.46 -3.46 -13.21
C ASN C 45 -16.00 -2.49 -12.13
N GLY C 46 -14.78 -2.72 -11.65
CA GLY C 46 -14.13 -1.85 -10.66
C GLY C 46 -14.47 -2.15 -9.23
N CYS C 47 -15.41 -3.08 -9.05
CA CYS C 47 -15.91 -3.45 -7.74
C CYS C 47 -15.30 -4.68 -7.15
N CYS C 48 -14.57 -4.49 -6.05
CA CYS C 48 -13.97 -5.63 -5.40
C CYS C 48 -14.99 -6.64 -4.86
N LEU C 49 -14.86 -7.88 -5.33
CA LEU C 49 -15.67 -9.00 -4.89
C LEU C 49 -14.74 -10.12 -4.46
N THR C 50 -15.25 -11.02 -3.63
CA THR C 50 -14.50 -12.11 -3.07
C THR C 50 -14.98 -13.47 -3.58
N VAL C 51 -14.06 -14.28 -4.11
CA VAL C 51 -14.39 -15.60 -4.62
C VAL C 51 -14.98 -16.48 -3.54
N THR C 52 -16.15 -17.04 -3.82
CA THR C 52 -16.75 -17.94 -2.86
C THR C 52 -16.63 -19.36 -3.32
N GLU C 53 -16.55 -19.51 -4.63
CA GLU C 53 -16.48 -20.85 -5.16
C GLU C 53 -15.87 -20.86 -6.55
N ILE C 54 -15.17 -21.96 -6.87
CA ILE C 54 -14.57 -22.16 -8.19
C ILE C 54 -15.00 -23.49 -8.78
N ASN C 55 -15.69 -23.47 -9.93
CA ASN C 55 -16.07 -24.70 -10.62
C ASN C 55 -15.62 -24.55 -12.04
N GLY C 56 -14.46 -25.15 -12.31
CA GLY C 56 -13.89 -24.98 -13.63
C GLY C 56 -13.60 -23.52 -13.79
N ASN C 57 -14.14 -22.94 -14.85
CA ASN C 57 -13.98 -21.52 -15.12
C ASN C 57 -15.19 -20.75 -14.66
N HIS C 58 -16.03 -21.44 -13.90
CA HIS C 58 -17.21 -20.77 -13.39
C HIS C 58 -16.90 -20.27 -11.99
N VAL C 59 -16.86 -18.97 -11.82
CA VAL C 59 -16.42 -18.49 -10.49
C VAL C 59 -17.52 -17.73 -9.79
N SER C 60 -17.80 -18.09 -8.53
CA SER C 60 -18.84 -17.41 -7.71
C SER C 60 -18.34 -16.30 -6.80
N PHE C 61 -19.20 -15.29 -6.66
CA PHE C 61 -19.05 -14.09 -5.82
C PHE C 61 -20.39 -13.64 -5.22
N ASP C 62 -20.37 -13.26 -3.96
CA ASP C 62 -21.58 -12.72 -3.35
C ASP C 62 -21.51 -11.21 -3.41
N LEU C 63 -22.69 -10.61 -3.57
CA LEU C 63 -22.91 -9.18 -3.64
C LEU C 63 -23.89 -8.85 -2.51
N MET C 64 -23.47 -8.02 -1.55
CA MET C 64 -24.34 -7.71 -0.42
C MET C 64 -25.12 -6.42 -0.58
N LYS C 65 -25.91 -6.08 0.43
CA LYS C 65 -26.76 -4.92 0.35
C LYS C 65 -26.10 -3.64 -0.09
N GLU C 66 -25.01 -3.22 0.55
CA GLU C 66 -24.39 -1.96 0.13
C GLU C 66 -23.89 -1.94 -1.32
N THR C 67 -23.36 -3.09 -1.74
CA THR C 67 -22.83 -3.26 -3.09
C THR C 67 -23.94 -3.03 -4.10
N LEU C 68 -25.03 -3.73 -3.84
CA LEU C 68 -26.21 -3.60 -4.66
C LEU C 68 -26.74 -2.18 -4.67
N ARG C 69 -26.63 -1.53 -3.53
CA ARG C 69 -27.13 -0.19 -3.39
C ARG C 69 -26.31 0.81 -4.16
N ILE C 70 -25.00 0.63 -4.16
CA ILE C 70 -24.16 1.67 -4.71
C ILE C 70 -23.58 1.51 -6.10
N THR C 71 -23.53 0.28 -6.61
CA THR C 71 -22.97 -0.02 -7.93
C THR C 71 -24.06 -0.44 -8.95
N ASN C 72 -23.68 -0.57 -10.22
CA ASN C 72 -24.58 -0.99 -11.28
C ASN C 72 -24.59 -2.50 -11.42
N LEU C 73 -24.01 -3.22 -10.48
CA LEU C 73 -23.93 -4.67 -10.67
C LEU C 73 -25.24 -5.39 -10.59
N GLY C 74 -26.11 -4.82 -9.75
CA GLY C 74 -27.43 -5.36 -9.50
C GLY C 74 -28.21 -5.27 -10.79
N ASP C 75 -27.78 -4.40 -11.70
CA ASP C 75 -28.43 -4.22 -13.00
C ASP C 75 -28.05 -5.31 -14.00
N LEU C 76 -27.07 -6.11 -13.68
CA LEU C 76 -26.61 -7.10 -14.62
C LEU C 76 -27.63 -8.17 -14.86
N LYS C 77 -27.69 -8.60 -16.11
CA LYS C 77 -28.51 -9.71 -16.52
C LYS C 77 -27.62 -10.81 -17.08
N VAL C 78 -28.03 -12.05 -16.92
CA VAL C 78 -27.29 -13.18 -17.46
C VAL C 78 -26.93 -12.92 -18.90
N GLY C 79 -25.74 -13.39 -19.31
CA GLY C 79 -25.26 -13.14 -20.64
C GLY C 79 -24.63 -11.76 -20.71
N ASP C 80 -24.59 -11.05 -19.61
CA ASP C 80 -23.93 -9.75 -19.64
C ASP C 80 -22.44 -9.91 -19.38
N TRP C 81 -21.65 -8.93 -19.84
CA TRP C 81 -20.18 -8.89 -19.71
C TRP C 81 -19.67 -7.87 -18.70
N VAL C 82 -18.68 -8.31 -17.92
CA VAL C 82 -18.04 -7.42 -16.96
C VAL C 82 -16.53 -7.37 -17.15
N ASN C 83 -15.98 -6.17 -16.86
CA ASN C 83 -14.55 -5.93 -16.80
C ASN C 83 -14.06 -6.64 -15.53
N VAL C 84 -13.07 -7.53 -15.63
CA VAL C 84 -12.55 -8.25 -14.47
C VAL C 84 -11.05 -8.05 -14.30
N GLU C 85 -10.57 -8.03 -13.05
CA GLU C 85 -9.16 -7.82 -12.76
C GLU C 85 -8.79 -8.55 -11.48
N ARG C 86 -7.78 -9.42 -11.51
CA ARG C 86 -7.39 -10.04 -10.28
C ARG C 86 -6.64 -9.01 -9.46
N ALA C 87 -6.40 -9.31 -8.19
CA ALA C 87 -5.74 -8.40 -7.27
C ALA C 87 -4.31 -8.10 -7.69
N ALA C 88 -3.90 -6.87 -7.42
CA ALA C 88 -2.55 -6.45 -7.72
C ALA C 88 -1.50 -7.21 -6.93
N LYS C 89 -0.32 -7.13 -7.51
CA LYS C 89 0.96 -7.62 -7.05
C LYS C 89 1.98 -6.53 -7.39
N PHE C 90 3.20 -6.73 -6.93
CA PHE C 90 4.28 -5.81 -7.20
C PHE C 90 5.04 -6.31 -8.41
N HIS C 97 -1.88 4.22 -11.87
CA HIS C 97 -2.91 4.45 -10.87
C HIS C 97 -3.11 3.21 -10.03
N LEU C 98 -3.18 3.38 -8.69
CA LEU C 98 -3.39 2.27 -7.75
C LEU C 98 -4.79 2.29 -7.14
N MET C 99 -5.62 1.30 -7.46
CA MET C 99 -7.03 1.31 -7.12
C MET C 99 -7.52 0.47 -5.94
N SER C 100 -8.52 0.98 -5.24
CA SER C 100 -9.04 0.26 -4.10
C SER C 100 -10.07 -0.77 -4.47
N GLY C 101 -10.84 -0.50 -5.50
CA GLY C 101 -11.89 -1.44 -5.83
C GLY C 101 -13.13 -1.12 -5.01
N HIS C 102 -13.18 0.12 -4.50
CA HIS C 102 -14.31 0.58 -3.71
C HIS C 102 -15.04 1.64 -4.47
N ILE C 103 -16.24 1.26 -4.91
CA ILE C 103 -17.07 2.14 -5.71
C ILE C 103 -17.75 3.23 -4.89
N MET C 104 -17.66 4.45 -5.36
CA MET C 104 -18.27 5.49 -4.59
C MET C 104 -19.66 5.85 -5.09
N THR C 105 -19.80 5.96 -6.41
CA THR C 105 -21.04 6.32 -7.09
C THR C 105 -21.07 5.73 -8.49
N THR C 106 -22.08 6.09 -9.27
CA THR C 106 -22.13 5.64 -10.63
C THR C 106 -22.33 6.85 -11.50
N ALA C 107 -22.03 6.69 -12.77
CA ALA C 107 -22.21 7.78 -13.68
C ALA C 107 -22.93 7.26 -14.90
N GLU C 108 -23.51 8.21 -15.60
CA GLU C 108 -24.25 7.94 -16.82
C GLU C 108 -23.49 8.52 -17.97
N VAL C 109 -23.35 7.72 -19.03
CA VAL C 109 -22.74 8.22 -20.24
C VAL C 109 -23.62 9.34 -20.81
N ALA C 110 -23.07 10.58 -20.77
CA ALA C 110 -23.77 11.76 -21.24
C ALA C 110 -23.03 12.37 -22.42
N ILE C 121 -15.14 10.65 -23.93
CA ILE C 121 -16.45 10.50 -23.27
C ILE C 121 -16.66 11.43 -22.07
N TRP C 122 -17.85 12.00 -22.07
CA TRP C 122 -18.29 12.89 -21.02
C TRP C 122 -19.24 12.12 -20.14
N PHE C 123 -19.08 12.27 -18.83
CA PHE C 123 -19.96 11.52 -17.95
C PHE C 123 -20.73 12.46 -17.04
N LYS C 124 -21.99 12.15 -16.87
CA LYS C 124 -22.82 12.94 -15.99
C LYS C 124 -22.78 12.25 -14.64
N VAL C 125 -22.18 12.93 -13.67
CA VAL C 125 -22.06 12.37 -12.33
C VAL C 125 -23.34 12.45 -11.51
N GLN C 126 -23.85 11.26 -11.25
CA GLN C 126 -25.07 11.12 -10.48
C GLN C 126 -25.06 11.91 -9.16
N ASP C 127 -24.00 11.75 -8.38
CA ASP C 127 -23.94 12.43 -7.11
C ASP C 127 -23.08 13.66 -7.11
N SER C 128 -23.37 14.53 -8.05
CA SER C 128 -22.73 15.81 -8.26
C SER C 128 -21.85 16.39 -7.14
N GLN C 129 -22.16 16.10 -5.89
CA GLN C 129 -21.34 16.61 -4.80
C GLN C 129 -19.88 16.09 -4.74
N LEU C 130 -19.72 14.88 -5.27
CA LEU C 130 -18.44 14.17 -5.35
C LEU C 130 -17.52 14.80 -6.41
N MET C 131 -17.99 15.85 -7.05
CA MET C 131 -17.23 16.51 -8.10
C MET C 131 -15.94 17.10 -7.57
N LYS C 132 -15.96 17.38 -6.28
CA LYS C 132 -14.80 17.93 -5.63
C LYS C 132 -13.59 17.01 -5.73
N TYR C 133 -13.81 15.75 -6.10
CA TYR C 133 -12.71 14.79 -6.21
C TYR C 133 -12.36 14.50 -7.66
N ILE C 134 -13.21 14.94 -8.57
CA ILE C 134 -13.00 14.71 -9.98
C ILE C 134 -12.44 15.95 -10.61
N LEU C 135 -11.14 15.87 -10.81
CA LEU C 135 -10.40 16.99 -11.31
C LEU C 135 -9.60 16.77 -12.58
N TYR C 136 -9.47 17.89 -13.25
CA TYR C 136 -8.73 17.98 -14.47
C TYR C 136 -7.32 17.51 -14.26
N LYS C 137 -6.89 16.70 -15.19
CA LYS C 137 -5.53 16.21 -15.14
C LYS C 137 -5.37 15.22 -13.99
N GLY C 138 -6.50 14.75 -13.48
CA GLY C 138 -6.47 13.80 -12.39
C GLY C 138 -6.89 12.39 -12.79
N PHE C 139 -6.61 11.44 -11.89
CA PHE C 139 -6.97 10.06 -12.12
C PHE C 139 -8.41 9.83 -11.73
N ILE C 140 -8.93 8.69 -12.19
CA ILE C 140 -10.26 8.26 -11.85
C ILE C 140 -10.38 6.81 -12.26
N GLY C 141 -11.36 6.13 -11.69
CA GLY C 141 -11.60 4.73 -11.99
C GLY C 141 -12.98 4.62 -12.60
N ILE C 142 -13.05 4.16 -13.84
CA ILE C 142 -14.32 3.99 -14.53
C ILE C 142 -14.54 2.54 -14.89
N ASP C 143 -15.50 1.90 -14.21
CA ASP C 143 -15.71 0.50 -14.46
C ASP C 143 -14.45 -0.33 -14.31
N GLY C 144 -13.55 0.12 -13.43
CA GLY C 144 -12.32 -0.64 -13.19
C GLY C 144 -11.16 -0.17 -14.06
N ILE C 145 -11.41 0.83 -14.85
CA ILE C 145 -10.39 1.34 -15.73
C ILE C 145 -9.81 2.63 -15.19
N SER C 146 -8.51 2.63 -14.95
CA SER C 146 -7.81 3.84 -14.51
C SER C 146 -7.72 4.86 -15.64
N LEU C 147 -8.10 6.10 -15.39
CA LEU C 147 -8.08 7.11 -16.43
C LEU C 147 -7.77 8.48 -15.86
N THR C 148 -7.40 9.39 -16.75
CA THR C 148 -7.15 10.74 -16.34
C THR C 148 -8.31 11.62 -16.76
N VAL C 149 -8.72 12.48 -15.85
CA VAL C 149 -9.81 13.36 -16.14
C VAL C 149 -9.40 14.45 -17.12
N GLY C 150 -10.25 14.63 -18.12
CA GLY C 150 -10.10 15.69 -19.10
C GLY C 150 -10.87 16.92 -18.62
N GLU C 151 -11.66 17.55 -19.49
CA GLU C 151 -12.45 18.73 -19.13
C GLU C 151 -13.51 18.37 -18.11
N VAL C 152 -13.91 19.33 -17.29
CA VAL C 152 -14.98 19.17 -16.32
C VAL C 152 -15.92 20.35 -16.35
N THR C 153 -17.03 20.19 -15.66
CA THR C 153 -18.04 21.21 -15.45
C THR C 153 -18.51 20.88 -14.08
N PRO C 154 -19.37 21.68 -13.50
CA PRO C 154 -19.84 21.38 -12.17
C PRO C 154 -20.59 20.05 -12.10
N THR C 155 -21.28 19.67 -13.17
CA THR C 155 -22.02 18.43 -13.11
C THR C 155 -21.39 17.25 -13.82
N ARG C 156 -20.45 17.52 -14.72
CA ARG C 156 -19.90 16.40 -15.46
C ARG C 156 -18.43 16.51 -15.74
N PHE C 157 -17.89 15.42 -16.31
CA PHE C 157 -16.47 15.36 -16.63
C PHE C 157 -16.22 14.55 -17.90
N CYS C 158 -15.02 14.72 -18.43
CA CYS C 158 -14.64 14.03 -19.65
C CYS C 158 -13.34 13.27 -19.52
N VAL C 159 -13.32 12.15 -20.24
CA VAL C 159 -12.17 11.30 -20.27
C VAL C 159 -11.88 11.03 -21.71
N HIS C 160 -10.61 10.88 -22.01
CA HIS C 160 -10.19 10.59 -23.37
C HIS C 160 -9.72 9.16 -23.44
N LEU C 161 -10.51 8.34 -24.12
CA LEU C 161 -10.22 6.91 -24.23
C LEU C 161 -9.48 6.55 -25.52
N ILE C 162 -8.63 5.52 -25.45
CA ILE C 162 -7.86 5.07 -26.61
C ILE C 162 -8.33 3.72 -27.11
N PRO C 163 -8.06 3.41 -28.38
CA PRO C 163 -8.47 2.20 -29.04
C PRO C 163 -8.26 0.89 -28.29
N GLU C 164 -7.05 0.58 -27.87
CA GLU C 164 -6.89 -0.72 -27.21
C GLU C 164 -7.80 -0.90 -26.01
N THR C 165 -7.97 0.21 -25.35
CA THR C 165 -8.80 0.29 -24.17
C THR C 165 -10.26 -0.04 -24.44
N LEU C 166 -10.78 0.55 -25.51
CA LEU C 166 -12.16 0.34 -25.93
C LEU C 166 -12.46 -1.11 -26.28
N GLU C 167 -11.52 -1.70 -27.01
CA GLU C 167 -11.64 -3.08 -27.45
C GLU C 167 -11.48 -4.08 -26.33
N ARG C 168 -10.53 -3.82 -25.45
CA ARG C 168 -10.27 -4.69 -24.32
C ARG C 168 -11.22 -4.57 -23.10
N THR C 169 -12.20 -3.69 -23.17
CA THR C 169 -13.14 -3.50 -22.10
C THR C 169 -14.54 -3.39 -22.65
N THR C 170 -15.51 -3.35 -21.75
CA THR C 170 -16.88 -3.22 -22.19
C THR C 170 -17.21 -1.77 -22.38
N LEU C 171 -16.22 -0.93 -22.11
CA LEU C 171 -16.45 0.47 -22.21
C LEU C 171 -16.83 0.90 -23.61
N GLY C 172 -16.20 0.24 -24.59
CA GLY C 172 -16.49 0.57 -25.96
C GLY C 172 -17.99 0.50 -26.19
N LYS C 173 -18.52 -0.68 -25.92
CA LYS C 173 -19.91 -0.97 -26.08
C LYS C 173 -20.82 -0.13 -25.19
N LYS C 174 -20.27 0.85 -24.51
CA LYS C 174 -21.18 1.58 -23.66
C LYS C 174 -21.86 2.75 -24.34
N LYS C 175 -23.19 2.60 -24.43
CA LYS C 175 -24.15 3.47 -25.09
C LYS C 175 -24.66 4.63 -24.26
N LEU C 176 -25.03 5.72 -24.92
CA LEU C 176 -25.58 6.92 -24.28
C LEU C 176 -26.58 6.60 -23.18
N GLY C 177 -26.38 7.20 -22.01
CA GLY C 177 -27.25 6.92 -20.88
C GLY C 177 -26.82 5.70 -20.08
N ALA C 178 -25.89 4.88 -20.58
CA ALA C 178 -25.45 3.74 -19.79
C ALA C 178 -24.76 4.21 -18.52
N ARG C 179 -24.94 3.42 -17.49
CA ARG C 179 -24.40 3.74 -16.19
C ARG C 179 -23.08 3.03 -15.99
N VAL C 180 -22.13 3.72 -15.34
CA VAL C 180 -20.82 3.19 -15.00
C VAL C 180 -20.50 3.40 -13.52
N ASN C 181 -19.65 2.50 -13.00
CA ASN C 181 -19.15 2.55 -11.63
C ASN C 181 -18.00 3.53 -11.52
N ILE C 182 -18.10 4.42 -10.54
CA ILE C 182 -17.07 5.41 -10.31
C ILE C 182 -16.28 5.14 -9.05
N GLU C 183 -14.97 4.99 -9.23
CA GLU C 183 -14.07 4.86 -8.13
C GLU C 183 -13.32 6.17 -8.05
N ILE C 184 -13.46 6.87 -6.94
CA ILE C 184 -12.74 8.10 -6.73
C ILE C 184 -11.30 7.77 -6.40
N ASP C 185 -10.34 8.55 -6.88
CA ASP C 185 -8.93 8.26 -6.60
C ASP C 185 -8.69 8.47 -5.12
N PRO C 186 -8.36 7.40 -4.42
CA PRO C 186 -8.21 7.47 -2.97
C PRO C 186 -7.29 8.59 -2.53
N GLN C 187 -6.25 8.82 -3.30
CA GLN C 187 -5.31 9.85 -2.92
C GLN C 187 -5.95 11.21 -2.94
N THR C 188 -6.59 11.47 -4.06
CA THR C 188 -7.27 12.74 -4.22
C THR C 188 -8.31 12.97 -3.14
N GLN C 189 -9.11 11.95 -2.84
CA GLN C 189 -10.10 12.06 -1.77
C GLN C 189 -9.45 12.51 -0.47
N ALA C 190 -8.33 11.84 -0.13
CA ALA C 190 -7.62 12.09 1.11
C ALA C 190 -7.07 13.49 1.15
N VAL C 191 -6.54 13.88 0.01
CA VAL C 191 -6.00 15.22 -0.08
C VAL C 191 -7.09 16.26 0.08
N VAL C 192 -8.14 16.13 -0.74
CA VAL C 192 -9.25 17.06 -0.78
C VAL C 192 -9.89 17.27 0.58
N ASP C 193 -10.18 16.16 1.20
CA ASP C 193 -10.80 16.22 2.50
C ASP C 193 -9.94 16.98 3.47
N THR C 194 -8.68 16.57 3.43
CA THR C 194 -7.65 17.13 4.27
C THR C 194 -7.52 18.63 4.13
N VAL C 195 -7.35 19.04 2.88
CA VAL C 195 -7.27 20.44 2.56
C VAL C 195 -8.42 21.24 3.18
N GLU C 196 -9.63 20.79 2.95
CA GLU C 196 -10.77 21.50 3.48
C GLU C 196 -10.84 21.55 4.99
N ARG C 197 -10.72 20.38 5.59
CA ARG C 197 -10.77 20.35 7.02
C ARG C 197 -9.80 21.36 7.61
N VAL C 198 -8.62 21.44 7.02
CA VAL C 198 -7.60 22.36 7.46
C VAL C 198 -7.99 23.81 7.28
N LEU C 199 -8.22 24.13 6.01
CA LEU C 199 -8.58 25.45 5.54
C LEU C 199 -9.98 25.86 5.90
N ALA C 200 -10.68 24.95 6.57
CA ALA C 200 -12.00 25.33 7.02
C ALA C 200 -11.74 26.40 8.07
N ALA C 201 -10.87 25.99 9.00
CA ALA C 201 -10.41 26.81 10.10
C ALA C 201 -9.89 28.16 9.58
#